data_3UCB
#
_entry.id   3UCB
#
_cell.length_a   28.640
_cell.length_b   65.667
_cell.length_c   94.032
_cell.angle_alpha   90.00
_cell.angle_beta   90.00
_cell.angle_gamma   90.00
#
_symmetry.space_group_name_H-M   'P 21 21 21'
#
loop_
_entity.id
_entity.type
_entity.pdbx_description
1 polymer Protease
2 non-polymer (3R,3AS,6AR)-HEXAHYDROFURO[2,3-B]FURAN-3-YL(1S,2R)-3-[[(4-AMINOPHENYL)SULFONYL](ISOBUTYL)AMINO]-1-BENZYL-2-HYDROXYPROPYLCARBAMATE
3 water water
#
_entity_poly.entity_id   1
_entity_poly.type   'polypeptide(L)'
_entity_poly.pdbx_seq_one_letter_code
;PQITLWKRPFVTVKVGGQLKEALLDTGADNTIFEDINLPGRWKPKMVGGIGGFLKVREYDQVPIEIAGHKVIGTVLVGPT
PVNVIGRDTMTQIGATLNF
;
_entity_poly.pdbx_strand_id   A,B
#
loop_
_chem_comp.id
_chem_comp.type
_chem_comp.name
_chem_comp.formula
017 non-polymer (3R,3AS,6AR)-HEXAHYDROFURO[2,3-B]FURAN-3-YL(1S,2R)-3-[[(4-AMINOPHENYL)SULFONYL](ISOBUTYL)AMINO]-1-BENZYL-2-HYDROXYPROPYLCARBAMATE 'C27 H37 N3 O7 S'
#
# COMPACT_ATOMS: atom_id res chain seq x y z
N PRO A 1 -4.98 -5.64 -17.26
CA PRO A 1 -3.59 -5.22 -17.38
C PRO A 1 -2.67 -5.98 -16.42
N GLN A 2 -1.40 -5.96 -16.74
CA GLN A 2 -0.30 -6.45 -15.91
C GLN A 2 0.63 -5.26 -15.67
N ILE A 3 0.64 -4.74 -14.44
CA ILE A 3 1.30 -3.52 -14.04
C ILE A 3 2.59 -3.78 -13.29
N THR A 4 3.72 -3.29 -13.78
CA THR A 4 4.94 -3.32 -13.00
C THR A 4 4.91 -2.16 -11.99
N LEU A 5 5.91 -2.12 -11.13
CA LEU A 5 5.87 -1.22 -9.98
C LEU A 5 7.03 -0.24 -9.96
N TRP A 6 7.63 0.06 -11.11
CA TRP A 6 8.71 1.07 -11.15
C TRP A 6 8.19 2.47 -10.84
N LYS A 7 6.93 2.73 -11.17
CA LYS A 7 6.30 3.99 -10.75
C LYS A 7 5.10 3.62 -9.92
N ARG A 8 4.56 4.63 -9.23
CA ARG A 8 3.36 4.39 -8.43
CA ARG A 8 3.37 4.36 -8.41
C ARG A 8 2.23 3.84 -9.30
N PRO A 9 1.53 2.81 -8.90
CA PRO A 9 0.46 2.24 -9.73
C PRO A 9 -0.85 2.96 -9.63
N PHE A 10 -0.90 4.16 -10.21
CA PHE A 10 -2.14 4.87 -10.34
C PHE A 10 -2.98 4.27 -11.46
N VAL A 11 -4.29 4.25 -11.23
CA VAL A 11 -5.26 3.90 -12.24
C VAL A 11 -6.32 4.99 -12.29
N THR A 12 -6.87 5.09 -13.49
CA THR A 12 -8.08 5.86 -13.66
C THR A 12 -9.24 5.14 -12.99
N VAL A 13 -10.05 5.87 -12.25
CA VAL A 13 -11.18 5.19 -11.58
C VAL A 13 -12.35 6.11 -11.68
N LYS A 14 -13.53 5.61 -11.99
CA LYS A 14 -14.69 6.48 -11.87
C LYS A 14 -15.38 6.13 -10.57
N VAL A 15 -15.56 7.12 -9.69
CA VAL A 15 -16.10 6.86 -8.36
C VAL A 15 -17.30 7.78 -8.17
N GLY A 16 -18.47 7.21 -7.88
CA GLY A 16 -19.68 8.03 -7.86
C GLY A 16 -19.90 8.65 -9.23
N GLY A 17 -19.41 8.01 -10.29
CA GLY A 17 -19.62 8.62 -11.61
C GLY A 17 -18.61 9.73 -11.87
N GLN A 18 -17.65 9.96 -10.97
CA GLN A 18 -16.64 11.01 -11.24
C GLN A 18 -15.30 10.42 -11.61
N LEU A 19 -14.66 10.91 -12.67
CA LEU A 19 -13.38 10.38 -13.13
C LEU A 19 -12.25 10.92 -12.25
N LYS A 20 -11.57 9.99 -11.60
CA LYS A 20 -10.49 10.31 -10.68
C LYS A 20 -9.33 9.40 -10.97
N GLU A 21 -8.26 9.57 -10.17
CA GLU A 21 -7.19 8.57 -10.22
C GLU A 21 -6.80 8.23 -8.79
N ALA A 22 -6.34 7.00 -8.61
CA ALA A 22 -6.00 6.48 -7.30
C ALA A 22 -4.95 5.38 -7.45
N LEU A 23 -4.24 5.19 -6.34
CA LEU A 23 -3.11 4.25 -6.27
C LEU A 23 -3.64 2.86 -5.94
N LEU A 24 -3.38 1.85 -6.74
CA LEU A 24 -3.67 0.47 -6.32
C LEU A 24 -2.77 0.10 -5.16
N ASP A 25 -3.30 -0.08 -3.95
CA ASP A 25 -2.49 -0.21 -2.76
C ASP A 25 -2.82 -1.47 -1.98
N THR A 26 -1.99 -2.49 -2.16
CA THR A 26 -2.26 -3.76 -1.49
C THR A 26 -2.04 -3.68 0.01
N GLY A 27 -1.39 -2.63 0.47
CA GLY A 27 -1.22 -2.45 1.91
C GLY A 27 -2.39 -1.72 2.56
N ALA A 28 -3.40 -1.32 1.76
CA ALA A 28 -4.56 -0.60 2.31
C ALA A 28 -5.76 -1.52 2.42
N ASP A 29 -6.42 -1.61 3.56
CA ASP A 29 -7.59 -2.45 3.64
C ASP A 29 -8.78 -1.77 2.94
N ASN A 30 -8.79 -0.44 2.97
CA ASN A 30 -9.94 0.32 2.56
C ASN A 30 -9.57 1.30 1.44
N THR A 31 -10.60 1.68 0.66
CA THR A 31 -10.49 2.61 -0.43
C THR A 31 -10.79 3.98 0.14
N ILE A 32 -9.89 4.92 -0.11
N ILE A 32 -9.90 4.94 -0.06
CA ILE A 32 -10.03 6.26 0.45
CA ILE A 32 -10.14 6.28 0.47
C ILE A 32 -9.72 7.33 -0.59
C ILE A 32 -9.73 7.33 -0.55
N PHE A 33 -10.58 8.34 -0.69
CA PHE A 33 -10.38 9.46 -1.59
C PHE A 33 -10.34 10.77 -0.82
N GLU A 34 -9.59 11.75 -1.32
CA GLU A 34 -9.61 13.04 -0.68
C GLU A 34 -10.29 14.03 -1.59
N ASP A 35 -10.35 13.76 -2.90
CA ASP A 35 -10.80 14.84 -3.80
C ASP A 35 -12.09 14.55 -4.55
N ILE A 36 -13.04 13.98 -3.82
CA ILE A 36 -14.39 13.72 -4.30
C ILE A 36 -15.41 14.25 -3.30
N ASN A 37 -16.52 14.70 -3.86
CA ASN A 37 -17.76 15.12 -3.23
C ASN A 37 -18.84 14.11 -3.63
N LEU A 38 -19.17 13.29 -2.66
CA LEU A 38 -20.23 12.30 -2.79
C LEU A 38 -21.48 12.88 -2.16
N PRO A 39 -22.58 12.51 -2.79
CA PRO A 39 -23.90 12.84 -2.27
C PRO A 39 -24.25 12.06 -1.00
N GLY A 40 -25.10 12.73 -0.25
CA GLY A 40 -25.78 12.33 0.93
C GLY A 40 -24.97 12.29 2.21
N ARG A 41 -25.70 11.78 3.23
CA ARG A 41 -25.15 11.59 4.56
C ARG A 41 -23.99 10.59 4.51
N TRP A 42 -23.26 10.65 5.61
CA TRP A 42 -22.12 9.75 5.71
C TRP A 42 -22.05 9.48 7.20
N LYS A 43 -21.21 8.51 7.54
CA LYS A 43 -20.98 8.11 8.91
C LYS A 43 -19.49 8.17 9.26
N PRO A 44 -19.22 8.52 10.49
CA PRO A 44 -17.86 8.80 10.90
C PRO A 44 -17.18 7.44 11.03
N LYS A 45 -15.94 7.38 10.59
CA LYS A 45 -15.09 6.21 10.71
C LYS A 45 -13.64 6.61 10.96
N MET A 46 -12.81 5.70 11.50
CA MET A 46 -11.42 6.10 11.68
C MET A 46 -10.52 5.07 10.99
N VAL A 47 -9.41 5.58 10.46
CA VAL A 47 -8.45 4.64 9.86
C VAL A 47 -7.06 4.92 10.42
N GLY A 48 -6.16 3.95 10.42
CA GLY A 48 -4.83 4.13 11.04
C GLY A 48 -3.75 3.87 10.03
N GLY A 49 -2.77 4.74 9.91
CA GLY A 49 -1.76 4.44 8.90
C GLY A 49 -0.41 4.64 9.60
N ILE A 50 0.61 4.86 8.79
CA ILE A 50 1.99 4.91 9.24
C ILE A 50 2.17 6.05 10.20
N GLY A 51 1.38 7.13 10.04
CA GLY A 51 1.80 8.21 10.97
C GLY A 51 0.80 8.44 12.10
N GLY A 52 -0.23 7.61 12.20
CA GLY A 52 -1.27 7.78 13.19
C GLY A 52 -2.63 7.62 12.48
N PHE A 53 -3.60 8.37 12.93
CA PHE A 53 -5.00 8.16 12.59
C PHE A 53 -5.65 9.31 11.85
N LEU A 54 -6.66 9.02 11.05
CA LEU A 54 -7.48 10.08 10.48
C LEU A 54 -8.96 9.79 10.76
N LYS A 55 -9.73 10.86 10.87
CA LYS A 55 -11.19 10.84 10.83
C LYS A 55 -11.61 10.91 9.36
N VAL A 56 -12.47 9.99 8.95
CA VAL A 56 -12.91 9.93 7.58
C VAL A 56 -14.42 9.90 7.56
N ARG A 57 -14.96 10.25 6.40
N ARG A 57 -14.96 10.25 6.40
CA ARG A 57 -16.37 10.18 6.08
CA ARG A 57 -16.40 10.15 6.18
C ARG A 57 -16.65 8.86 5.38
C ARG A 57 -16.63 8.86 5.43
N GLU A 58 -17.47 7.99 5.96
CA GLU A 58 -17.74 6.74 5.23
C GLU A 58 -19.04 6.80 4.43
N TYR A 59 -19.00 6.63 3.11
CA TYR A 59 -20.13 6.64 2.20
C TYR A 59 -20.37 5.24 1.64
N ASP A 60 -21.54 4.69 1.74
CA ASP A 60 -21.78 3.30 1.38
C ASP A 60 -22.47 3.13 0.02
N GLN A 61 -22.38 1.97 -0.60
CA GLN A 61 -23.03 1.68 -1.87
C GLN A 61 -22.73 2.69 -2.98
N VAL A 62 -21.45 2.96 -3.11
CA VAL A 62 -20.93 3.86 -4.10
C VAL A 62 -20.44 3.13 -5.32
N PRO A 63 -20.85 3.51 -6.51
CA PRO A 63 -20.34 2.81 -7.71
C PRO A 63 -18.87 3.12 -7.96
N ILE A 64 -18.04 2.14 -8.27
CA ILE A 64 -16.64 2.28 -8.65
C ILE A 64 -16.37 1.48 -9.93
N GLU A 65 -15.66 2.12 -10.88
CA GLU A 65 -15.27 1.45 -12.11
C GLU A 65 -13.77 1.56 -12.34
N ILE A 66 -13.04 0.47 -12.55
CA ILE A 66 -11.63 0.42 -12.88
C ILE A 66 -11.44 -0.53 -14.04
N ALA A 67 -10.81 -0.07 -15.11
CA ALA A 67 -10.40 -0.92 -16.23
C ALA A 67 -11.56 -1.79 -16.69
N GLY A 68 -12.74 -1.18 -16.79
CA GLY A 68 -13.93 -1.82 -17.33
C GLY A 68 -14.76 -2.60 -16.34
N HIS A 69 -14.30 -2.77 -15.11
CA HIS A 69 -15.03 -3.50 -14.08
C HIS A 69 -15.80 -2.52 -13.22
N LYS A 70 -17.10 -2.70 -13.16
CA LYS A 70 -17.90 -1.74 -12.37
C LYS A 70 -18.36 -2.42 -11.10
N VAL A 71 -18.06 -1.85 -9.94
CA VAL A 71 -18.52 -2.54 -8.71
C VAL A 71 -19.20 -1.57 -7.77
N ILE A 72 -19.88 -2.11 -6.75
CA ILE A 72 -20.52 -1.25 -5.75
C ILE A 72 -19.82 -1.46 -4.43
N GLY A 73 -19.26 -0.38 -3.88
CA GLY A 73 -18.46 -0.58 -2.67
C GLY A 73 -18.52 0.57 -1.68
N THR A 74 -17.72 0.43 -0.63
CA THR A 74 -17.60 1.45 0.40
C THR A 74 -16.46 2.38 0.04
N VAL A 75 -16.76 3.68 0.10
CA VAL A 75 -15.66 4.60 -0.17
C VAL A 75 -15.51 5.51 1.02
N LEU A 76 -14.28 5.63 1.52
CA LEU A 76 -14.01 6.57 2.59
C LEU A 76 -13.57 7.88 1.96
N VAL A 77 -13.97 9.01 2.53
CA VAL A 77 -13.50 10.33 2.10
C VAL A 77 -12.85 10.98 3.30
N GLY A 78 -11.59 11.36 3.17
CA GLY A 78 -10.82 11.88 4.28
C GLY A 78 -9.52 12.45 3.76
N PRO A 79 -8.83 13.05 4.70
CA PRO A 79 -7.58 13.76 4.40
C PRO A 79 -6.44 12.79 4.15
N THR A 80 -6.61 11.84 3.24
CA THR A 80 -5.49 11.02 2.80
C THR A 80 -4.60 11.82 1.86
N PRO A 81 -3.27 11.77 1.99
CA PRO A 81 -2.44 12.55 1.05
C PRO A 81 -2.50 12.08 -0.39
N VAL A 82 -3.02 10.88 -0.62
CA VAL A 82 -3.14 10.33 -1.96
C VAL A 82 -4.34 9.39 -2.01
N ASN A 83 -5.11 9.42 -3.08
CA ASN A 83 -6.27 8.50 -3.19
C ASN A 83 -5.75 7.09 -3.30
N VAL A 84 -6.38 6.14 -2.61
CA VAL A 84 -5.91 4.76 -2.63
C VAL A 84 -7.13 3.85 -2.88
N ILE A 85 -6.86 2.88 -3.75
CA ILE A 85 -7.80 1.75 -3.96
C ILE A 85 -7.31 0.64 -3.05
N GLY A 86 -8.07 0.24 -2.05
CA GLY A 86 -7.66 -0.78 -1.11
C GLY A 86 -8.07 -2.18 -1.50
N ARG A 87 -7.80 -3.16 -0.63
CA ARG A 87 -8.07 -4.55 -0.95
C ARG A 87 -9.56 -4.80 -1.07
N ASP A 88 -10.36 -4.00 -0.37
CA ASP A 88 -11.80 -4.16 -0.45
C ASP A 88 -12.26 -4.07 -1.91
N THR A 89 -11.77 -3.06 -2.62
CA THR A 89 -12.18 -2.86 -4.02
C THR A 89 -11.41 -3.79 -4.94
N MET A 90 -10.11 -3.98 -4.67
CA MET A 90 -9.32 -4.81 -5.57
C MET A 90 -9.81 -6.25 -5.59
N THR A 91 -10.31 -6.81 -4.47
CA THR A 91 -10.85 -8.17 -4.51
C THR A 91 -12.08 -8.19 -5.43
N GLN A 92 -12.84 -7.10 -5.45
CA GLN A 92 -14.03 -7.10 -6.28
C GLN A 92 -13.74 -7.14 -7.76
N ILE A 93 -12.58 -6.65 -8.18
CA ILE A 93 -12.24 -6.63 -9.59
C ILE A 93 -11.28 -7.78 -9.95
N GLY A 94 -11.01 -8.62 -8.94
CA GLY A 94 -10.21 -9.82 -9.11
C GLY A 94 -8.73 -9.52 -9.37
N ALA A 95 -8.24 -8.44 -8.74
CA ALA A 95 -6.82 -8.14 -8.88
C ALA A 95 -5.98 -9.07 -8.01
N THR A 96 -4.82 -9.44 -8.51
CA THR A 96 -3.85 -10.23 -7.77
C THR A 96 -2.45 -9.63 -7.88
N LEU A 97 -1.65 -9.98 -6.88
CA LEU A 97 -0.22 -9.69 -6.87
C LEU A 97 0.50 -10.94 -7.35
N ASN A 98 1.40 -10.81 -8.30
CA ASN A 98 2.07 -11.98 -8.87
C ASN A 98 3.58 -11.78 -8.88
N PHE A 99 4.28 -12.87 -8.63
CA PHE A 99 5.73 -12.90 -8.82
C PHE A 99 6.19 -14.36 -8.90
N PRO B 1 4.27 -17.05 -7.02
CA PRO B 1 2.86 -17.18 -6.71
C PRO B 1 1.96 -16.10 -7.29
N GLN B 2 0.68 -16.44 -7.23
CA GLN B 2 -0.40 -15.52 -7.53
C GLN B 2 -1.13 -15.34 -6.19
N ILE B 3 -1.17 -14.13 -5.70
CA ILE B 3 -1.69 -13.75 -4.40
C ILE B 3 -2.99 -12.98 -4.55
N THR B 4 -4.09 -13.56 -4.06
CA THR B 4 -5.35 -12.83 -4.00
C THR B 4 -5.31 -11.94 -2.78
N LEU B 5 -6.26 -11.05 -2.67
CA LEU B 5 -6.14 -9.94 -1.70
C LEU B 5 -7.24 -9.99 -0.69
N TRP B 6 -7.81 -11.20 -0.44
CA TRP B 6 -8.90 -11.31 0.52
C TRP B 6 -8.40 -11.14 1.95
N LYS B 7 -7.11 -11.42 2.14
CA LYS B 7 -6.47 -11.14 3.41
C LYS B 7 -5.21 -10.33 3.15
N ARG B 8 -4.62 -9.77 4.19
CA ARG B 8 -3.41 -8.97 4.03
CA ARG B 8 -3.42 -8.96 4.01
C ARG B 8 -2.32 -9.83 3.42
N PRO B 9 -1.61 -9.38 2.38
CA PRO B 9 -0.59 -10.22 1.71
C PRO B 9 0.76 -10.18 2.41
N PHE B 10 0.87 -10.93 3.48
CA PHE B 10 2.15 -11.09 4.16
C PHE B 10 2.99 -12.15 3.43
N VAL B 11 4.29 -11.93 3.49
CA VAL B 11 5.27 -12.88 3.01
C VAL B 11 6.38 -13.02 4.04
N THR B 12 7.04 -14.16 4.03
CA THR B 12 8.23 -14.40 4.82
C THR B 12 9.41 -13.74 4.11
N VAL B 13 10.22 -13.03 4.87
CA VAL B 13 11.43 -12.37 4.41
C VAL B 13 12.59 -12.76 5.31
N LYS B 14 13.80 -12.81 4.77
CA LYS B 14 15.01 -12.94 5.58
C LYS B 14 15.80 -11.65 5.45
N VAL B 15 16.04 -10.95 6.54
CA VAL B 15 16.81 -9.70 6.49
C VAL B 15 17.66 -9.67 7.75
N GLY B 16 18.94 -9.28 7.60
CA GLY B 16 19.81 -9.21 8.78
C GLY B 16 19.98 -10.56 9.42
N GLY B 17 19.85 -11.61 8.60
CA GLY B 17 19.97 -12.95 9.12
C GLY B 17 18.76 -13.49 9.80
N GLN B 18 17.69 -12.72 9.88
CA GLN B 18 16.50 -13.12 10.64
C GLN B 18 15.26 -13.29 9.78
N LEU B 19 14.42 -14.27 10.16
CA LEU B 19 13.18 -14.50 9.42
C LEU B 19 12.15 -13.53 9.98
N LYS B 20 11.58 -12.73 9.09
CA LYS B 20 10.57 -11.77 9.45
C LYS B 20 9.35 -11.95 8.53
N GLU B 21 8.28 -11.27 8.89
CA GLU B 21 7.09 -11.24 8.03
C GLU B 21 6.79 -9.81 7.69
N ALA B 22 6.34 -9.56 6.46
CA ALA B 22 6.12 -8.19 6.02
C ALA B 22 5.00 -8.20 4.99
N LEU B 23 4.31 -7.10 4.94
CA LEU B 23 3.20 -6.94 4.04
C LEU B 23 3.68 -6.49 2.67
N LEU B 24 3.28 -7.22 1.62
CA LEU B 24 3.56 -6.78 0.25
C LEU B 24 2.68 -5.56 -0.04
N ASP B 25 3.28 -4.38 -0.19
CA ASP B 25 2.53 -3.14 -0.20
C ASP B 25 2.82 -2.29 -1.41
N THR B 26 1.94 -2.36 -2.42
CA THR B 26 2.22 -1.60 -3.63
C THR B 26 2.02 -0.10 -3.42
N GLY B 27 1.43 0.30 -2.29
CA GLY B 27 1.34 1.72 -2.03
C GLY B 27 2.56 2.27 -1.29
N ALA B 28 3.55 1.44 -0.93
CA ALA B 28 4.74 1.88 -0.26
C ALA B 28 5.86 2.02 -1.27
N ASP B 29 6.45 3.22 -1.27
CA ASP B 29 7.60 3.41 -2.15
C ASP B 29 8.79 2.56 -1.68
N ASN B 30 8.97 2.45 -0.36
CA ASN B 30 10.16 1.75 0.08
C ASN B 30 9.80 0.77 1.20
N THR B 31 10.64 -0.23 1.30
CA THR B 31 10.55 -1.23 2.36
C THR B 31 10.92 -0.67 3.74
N ILE B 32 10.10 -0.98 4.76
CA ILE B 32 10.36 -0.51 6.13
C ILE B 32 10.15 -1.65 7.12
N PHE B 33 11.14 -1.87 7.99
CA PHE B 33 11.02 -2.81 9.07
C PHE B 33 11.10 -2.07 10.41
N GLU B 34 10.42 -2.64 11.39
CA GLU B 34 10.54 -2.24 12.77
C GLU B 34 11.35 -3.26 13.57
N ASP B 35 12.22 -2.70 14.38
CA ASP B 35 13.10 -3.41 15.29
C ASP B 35 13.96 -4.50 14.70
N ILE B 36 14.79 -4.12 13.77
CA ILE B 36 15.72 -5.10 13.26
C ILE B 36 17.08 -4.45 13.31
N ASN B 37 18.13 -5.22 13.53
CA ASN B 37 19.44 -4.55 13.70
C ASN B 37 20.35 -4.88 12.54
N LEU B 38 20.64 -3.82 11.76
CA LEU B 38 21.48 -3.93 10.57
C LEU B 38 22.84 -3.31 10.79
N PRO B 39 23.85 -3.98 10.22
CA PRO B 39 25.20 -3.44 10.32
C PRO B 39 25.39 -2.33 9.30
N GLY B 40 26.47 -1.56 9.54
CA GLY B 40 26.82 -0.51 8.64
C GLY B 40 26.20 0.83 9.01
N ARG B 41 26.58 1.82 8.21
CA ARG B 41 26.18 3.19 8.32
C ARG B 41 24.77 3.39 7.75
N TRP B 42 24.06 4.30 8.41
CA TRP B 42 22.72 4.62 7.95
C TRP B 42 22.63 6.13 7.81
N LYS B 43 21.58 6.64 7.18
CA LYS B 43 21.29 8.06 7.10
C LYS B 43 19.86 8.30 7.58
N PRO B 44 19.63 9.43 8.21
CA PRO B 44 18.28 9.70 8.67
C PRO B 44 17.40 10.13 7.51
N LYS B 45 16.17 9.65 7.49
N LYS B 45 16.16 9.65 7.50
CA LYS B 45 15.17 9.92 6.48
CA LYS B 45 15.21 9.99 6.44
C LYS B 45 13.82 10.12 7.16
C LYS B 45 13.83 10.05 7.08
N MET B 46 12.86 10.61 6.37
CA MET B 46 11.48 10.67 6.84
C MET B 46 10.60 10.06 5.74
N VAL B 47 9.54 9.37 6.15
CA VAL B 47 8.57 8.90 5.19
C VAL B 47 7.21 9.48 5.58
N GLY B 48 6.32 9.68 4.62
CA GLY B 48 5.00 10.27 4.84
C GLY B 48 3.86 9.31 4.48
N GLY B 49 2.83 9.24 5.34
CA GLY B 49 1.80 8.25 4.99
C GLY B 49 0.50 8.86 5.45
N ILE B 50 -0.50 8.01 5.64
CA ILE B 50 -1.76 8.51 6.18
C ILE B 50 -1.53 8.89 7.63
N GLY B 51 -1.97 10.05 8.09
CA GLY B 51 -1.75 10.32 9.51
C GLY B 51 -0.49 11.07 9.84
N GLY B 52 0.47 11.23 8.93
CA GLY B 52 1.67 12.00 9.26
C GLY B 52 2.96 11.35 8.83
N PHE B 53 4.06 11.83 9.41
CA PHE B 53 5.41 11.45 9.05
C PHE B 53 6.03 10.49 10.06
N LEU B 54 7.00 9.76 9.58
CA LEU B 54 7.70 8.75 10.31
C LEU B 54 9.21 8.92 10.17
N LYS B 55 9.93 9.03 11.30
CA LYS B 55 11.38 9.11 11.20
C LYS B 55 11.97 7.69 11.07
N VAL B 56 12.90 7.51 10.13
CA VAL B 56 13.45 6.19 9.89
C VAL B 56 14.95 6.30 9.67
N ARG B 57 15.65 5.18 9.80
CA ARG B 57 17.04 5.10 9.39
C ARG B 57 17.12 4.40 8.03
N GLU B 58 17.88 4.93 7.08
CA GLU B 58 18.05 4.34 5.78
C GLU B 58 19.39 3.63 5.71
N TYR B 59 19.28 2.33 5.44
CA TYR B 59 20.44 1.50 5.21
C TYR B 59 20.43 1.09 3.74
N ASP B 60 21.56 1.15 3.07
CA ASP B 60 21.64 0.79 1.64
C ASP B 60 22.40 -0.51 1.41
N GLN B 61 22.17 -1.11 0.24
CA GLN B 61 22.79 -2.37 -0.15
C GLN B 61 22.61 -3.48 0.88
N VAL B 62 21.40 -3.59 1.39
CA VAL B 62 21.00 -4.59 2.40
C VAL B 62 20.51 -5.82 1.67
N PRO B 63 21.05 -7.00 1.88
CA PRO B 63 20.41 -8.15 1.21
C PRO B 63 19.12 -8.49 1.94
N ILE B 64 18.10 -8.75 1.15
CA ILE B 64 16.82 -9.24 1.59
C ILE B 64 16.48 -10.45 0.77
N GLU B 65 15.91 -11.43 1.44
CA GLU B 65 15.37 -12.56 0.65
C GLU B 65 13.85 -12.53 0.79
N ILE B 66 13.09 -12.41 -0.31
CA ILE B 66 11.65 -12.24 -0.20
C ILE B 66 10.96 -13.53 -0.68
N ALA B 67 10.29 -14.25 0.22
CA ALA B 67 9.74 -15.56 -0.07
C ALA B 67 10.73 -16.36 -0.91
N GLY B 68 12.01 -16.33 -0.50
CA GLY B 68 13.04 -17.03 -1.23
C GLY B 68 13.56 -16.43 -2.51
N HIS B 69 13.56 -15.13 -2.78
CA HIS B 69 14.18 -14.48 -3.91
C HIS B 69 15.17 -13.44 -3.36
N LYS B 70 16.42 -13.42 -3.82
CA LYS B 70 17.38 -12.48 -3.22
C LYS B 70 17.40 -11.12 -3.89
N VAL B 71 17.45 -10.07 -3.07
CA VAL B 71 17.46 -8.70 -3.54
C VAL B 71 18.47 -7.92 -2.70
N ILE B 72 19.15 -6.97 -3.31
CA ILE B 72 20.04 -6.09 -2.53
C ILE B 72 19.57 -4.68 -2.83
N GLY B 73 19.24 -3.92 -1.77
CA GLY B 73 18.71 -2.59 -1.98
C GLY B 73 18.50 -1.87 -0.65
N THR B 74 17.59 -0.92 -0.65
CA THR B 74 17.40 -0.01 0.45
C THR B 74 16.37 -0.55 1.42
N VAL B 75 16.79 -0.41 2.67
CA VAL B 75 15.87 -0.85 3.71
C VAL B 75 15.82 0.29 4.73
N LEU B 76 14.59 0.73 5.02
CA LEU B 76 14.34 1.68 6.08
C LEU B 76 13.99 0.96 7.36
N VAL B 77 14.40 1.53 8.49
CA VAL B 77 14.11 0.95 9.79
C VAL B 77 13.49 1.99 10.69
N GLY B 78 12.33 1.67 11.26
CA GLY B 78 11.74 2.65 12.15
C GLY B 78 10.43 2.01 12.67
N PRO B 79 9.76 2.73 13.57
CA PRO B 79 8.58 2.22 14.25
C PRO B 79 7.31 2.27 13.43
N THR B 80 7.36 1.58 12.30
CA THR B 80 6.14 1.39 11.50
C THR B 80 5.24 0.45 12.27
N PRO B 81 3.93 0.56 12.24
CA PRO B 81 3.09 -0.44 12.90
C PRO B 81 3.11 -1.81 12.23
N VAL B 82 3.59 -1.90 11.01
CA VAL B 82 3.68 -3.17 10.31
C VAL B 82 4.85 -3.12 9.36
N ASN B 83 5.61 -4.23 9.30
CA ASN B 83 6.70 -4.26 8.34
C ASN B 83 6.08 -4.25 6.93
N VAL B 84 6.64 -3.42 6.04
CA VAL B 84 6.15 -3.42 4.65
C VAL B 84 7.29 -3.67 3.67
N ILE B 85 6.97 -4.40 2.61
CA ILE B 85 7.84 -4.52 1.45
C ILE B 85 7.33 -3.54 0.42
N GLY B 86 8.12 -2.56 0.04
CA GLY B 86 7.67 -1.55 -0.92
C GLY B 86 8.08 -1.86 -2.34
N ARG B 87 7.73 -0.91 -3.23
CA ARG B 87 8.00 -1.08 -4.66
C ARG B 87 9.47 -1.21 -4.97
N ASP B 88 10.34 -0.50 -4.27
CA ASP B 88 11.76 -0.61 -4.52
C ASP B 88 12.18 -2.07 -4.50
N THR B 89 11.70 -2.82 -3.53
CA THR B 89 12.08 -4.23 -3.40
C THR B 89 11.29 -5.07 -4.36
N MET B 90 9.99 -4.82 -4.47
CA MET B 90 9.16 -5.67 -5.34
C MET B 90 9.55 -5.56 -6.78
N THR B 91 10.05 -4.39 -7.25
CA THR B 91 10.47 -4.37 -8.65
C THR B 91 11.65 -5.32 -8.90
N GLN B 92 12.46 -5.61 -7.85
CA GLN B 92 13.62 -6.47 -8.04
C GLN B 92 13.27 -7.93 -8.23
N ILE B 93 12.04 -8.28 -7.83
CA ILE B 93 11.62 -9.69 -8.07
C ILE B 93 10.58 -9.77 -9.17
N GLY B 94 10.31 -8.65 -9.85
CA GLY B 94 9.42 -8.73 -11.03
C GLY B 94 7.97 -8.84 -10.60
N ALA B 95 7.63 -8.31 -9.42
CA ALA B 95 6.21 -8.37 -8.97
C ALA B 95 5.33 -7.49 -9.83
N THR B 96 4.11 -7.96 -10.11
CA THR B 96 3.16 -7.17 -10.88
C THR B 96 1.77 -7.31 -10.26
N LEU B 97 1.00 -6.26 -10.52
CA LEU B 97 -0.43 -6.29 -10.23
C LEU B 97 -1.18 -6.70 -11.47
N ASN B 98 -2.14 -7.60 -11.37
CA ASN B 98 -2.83 -8.12 -12.53
C ASN B 98 -4.33 -8.02 -12.32
N PHE B 99 -5.10 -7.53 -13.30
CA PHE B 99 -6.56 -7.60 -13.20
C PHE B 99 -7.12 -7.57 -14.61
N1 017 C . 8.16 3.92 2.17
N1 017 C . -7.91 1.83 4.54
C2 017 C . 6.93 4.01 2.62
C2 017 C . -6.67 2.19 4.65
C3 017 C . 6.34 2.85 3.10
C3 017 C . -6.07 2.76 3.53
C4 017 C . 5.04 2.89 3.59
C4 017 C . -4.75 3.15 3.61
C5 017 C . 4.35 4.09 3.57
C5 017 C . -4.07 2.94 4.81
C6 017 C . 4.94 5.26 3.08
C6 017 C . -4.70 2.37 5.91
C7 017 C . 6.25 5.22 2.59
C7 017 C . -6.03 1.96 5.87
S8 017 C . 2.71 4.14 4.19
S8 017 C . -2.40 3.47 4.81
O9 017 C . 2.54 3.07 5.23
O9 017 C . -2.25 4.53 3.73
O10 017 C . 2.46 5.52 4.69
O10 017 C . -1.93 4.01 6.12
N11 017 C . 1.67 3.91 2.97
N11 017 C . -1.44 2.22 4.37
C12 017 C . 1.70 4.96 1.95
C12 017 C . -1.74 1.00 5.11
C13 017 C . 0.34 4.90 1.21
C13 017 C . -0.46 0.20 5.35
C14 017 C . -0.77 5.49 2.09
C14 017 C . 0.68 1.12 5.80
C15 017 C . 0.44 5.72 -0.09
C15 017 C . -0.70 -0.95 6.33
C16 017 C . 1.56 2.55 2.48
C16 017 C . -1.46 2.01 2.92
C17 017 C . 0.16 1.98 2.75
C17 017 C . -0.06 2.25 2.37
O18 017 C . -0.05 0.82 1.98
O18 017 C . 0.14 1.66 1.09
C19 017 C . -0.14 1.78 4.24
C19 017 C . 0.29 3.72 2.26
N20 017 C . -1.58 1.53 4.36
N20 017 C . 1.73 3.87 2.00
C21 017 C . -2.51 2.32 4.92
C21 017 C . 2.65 4.33 2.86
O22 017 C . -2.23 3.43 5.40
O22 017 C . 2.41 4.87 3.93
O23 017 C . -3.78 1.89 4.94
O23 017 C . 3.92 4.15 2.45
C24 017 C . -4.79 2.63 5.62
C24 017 C . 4.99 4.85 3.05
C25 017 C . -6.00 2.67 4.68
C25 017 C . 6.25 3.99 2.93
O26 017 C . -6.59 1.38 4.78
O26 017 C . 6.75 4.28 1.62
C27 017 C . -6.41 0.92 6.12
C27 017 C . 6.48 5.64 1.34
O28 017 C . -5.89 -0.42 6.15
O28 017 C . 6.01 5.84 0.01
C29 017 C . -4.50 -0.41 6.51
C29 017 C . 4.69 6.38 0.00
C30 017 C . -4.35 0.85 7.38
C30 017 C . 4.35 6.76 1.42
C31 017 C . -5.38 1.82 6.80
C31 017 C . 5.40 6.11 2.30
C32 017 C . 0.54 0.54 4.85
C32 017 C . -0.48 4.39 1.10
C33 017 C . -0.61 -0.61 6.82
C33 017 C . 0.74 6.43 0.16
C34 017 C . -0.96 -0.70 8.16
C34 017 C . 1.10 7.77 0.23
C35 017 C . -0.53 0.30 9.03
C35 017 C . 0.68 8.55 1.31
C36 017 C . 0.23 1.38 8.56
C36 017 C . -0.12 7.97 2.30
C37 017 C . 0.59 1.46 7.21
C37 017 C . -0.48 6.64 2.22
C38 017 C . 0.15 0.45 6.34
C38 017 C . -0.05 5.87 1.14
N1 017 D . 14.93 12.00 10.33
C2 017 D . 15.35 11.23 11.34
C3 017 D . 15.48 9.87 11.08
C4 017 D . 15.92 9.05 12.11
C5 017 D . 16.21 9.58 13.37
C6 017 D . 16.08 10.94 13.63
C7 017 D . 15.64 11.77 12.60
S8 017 D . 16.75 8.50 14.62
O9 017 D . 17.65 7.45 14.05
O10 017 D . 17.53 9.25 15.66
N11 017 D . 15.44 7.74 15.29
C12 017 D . 14.84 6.83 14.30
C13 017 D . 15.06 5.36 14.60
C14 017 D . 14.60 4.52 13.38
C15 017 D . 14.17 4.92 15.76
C16 017 D . 14.39 8.70 15.66
C17 017 D . 14.25 8.87 17.16
O18 017 D . 13.31 9.88 17.53
C19 017 D . 13.96 7.59 17.94
N20 017 D . 14.49 7.74 19.29
C21 017 D . 15.56 7.15 19.81
O22 017 D . 16.41 6.53 19.18
O23 017 D . 15.68 7.28 21.16
C24 017 D . 16.73 6.55 21.76
C25 017 D . 17.03 7.24 23.09
O26 017 D . 16.18 6.55 24.03
C27 017 D . 16.42 5.17 23.71
O28 017 D . 15.32 4.37 24.14
C29 017 D . 14.25 4.75 23.27
C30 017 D . 14.91 4.70 21.90
C31 017 D . 16.34 5.14 22.17
C32 017 D . 12.45 7.34 18.05
C33 017 D . 13.18 5.07 18.90
C34 017 D . 13.01 3.72 19.10
C35 017 D . 11.84 3.14 18.64
C36 017 D . 10.88 3.89 18.00
C37 017 D . 11.06 5.24 17.79
C38 017 D . 12.22 5.83 18.25
#